data_6M0D
#
_entry.id   6M0D
#
_cell.length_a   52.891
_cell.length_b   80.900
_cell.length_c   92.661
_cell.angle_alpha   90.000
_cell.angle_beta   90.000
_cell.angle_gamma   90.000
#
_symmetry.space_group_name_H-M   'P 21 21 21'
#
loop_
_entity.id
_entity.type
_entity.pdbx_description
1 polymer Levansucrase
2 non-polymer 'MAGNESIUM ION'
3 water water
#
_entity_poly.entity_id   1
_entity_poly.type   'polypeptide(L)'
_entity_poly.pdbx_seq_one_letter_code
;GSGMKETAAAKFERQHMDSPDLGTDDDDKAMADIGSSGYPIPTPHSGQAYDPFADFTAKWTRANARQIKAQSHVPVSPDQ
NSLPLNLTMPDIPADFPQTNPDVWVWDTWPLADVHGNQLSFQGWEVIFSLTADPHAGYVFDDRHVHARIGFFYRKAGIPA
NQRPIDGGWIYGGHLFPDGSSVKVFGNVPMTQNAEWSGGARFVGGPQHAYLKNNNVSLYYTATSFNRNAQGGNITPPIAI
ISRADGQIQADDKHVWFTGFDQHLPLLAPDGKYYQTGQQNEFFSFRDPYVFLDPAHPGKTFMVFEGNTAVQRGSRSCTEA
DLGYSPNDPNKEDLNAVMDSGAIYQMANVGLAVATNDELTQWKFLPPILSGNCVNDQTERPQIYLKDGKYYLFTISHRTT
YAAGVDGPDGVYGFVGDGIRSDFIPLNGLSGLTLGNPTDLYQPAGAPYALNPNQNPRTFQSYSHYVMPGGLVESFIDAIG
PRRGGALAPTVKININGTSTILDRTYGNAGLGGYGDIPANLPA
;
_entity_poly.pdbx_strand_id   A
#
loop_
_chem_comp.id
_chem_comp.type
_chem_comp.name
_chem_comp.formula
MG non-polymer 'MAGNESIUM ION' 'Mg 2'
#
# COMPACT_ATOMS: atom_id res chain seq x y z
N SER A 37 25.03 -4.97 22.48
CA SER A 37 24.06 -4.71 21.36
C SER A 37 24.19 -3.25 20.94
N GLY A 38 24.28 -3.04 19.63
CA GLY A 38 24.36 -1.71 19.01
C GLY A 38 22.99 -1.14 18.69
N TYR A 39 21.91 -1.89 18.97
CA TYR A 39 20.52 -1.53 18.62
C TYR A 39 19.83 -0.91 19.82
N PRO A 40 19.03 0.16 19.63
CA PRO A 40 18.44 0.90 20.75
C PRO A 40 17.19 0.25 21.33
N ILE A 41 16.75 0.75 22.48
CA ILE A 41 15.41 0.43 23.05
C ILE A 41 14.39 1.01 22.08
N PRO A 42 13.34 0.25 21.70
CA PRO A 42 12.24 0.79 20.90
C PRO A 42 11.34 1.75 21.68
N THR A 43 10.87 2.81 21.03
CA THR A 43 9.87 3.72 21.61
C THR A 43 8.62 2.91 22.00
N PRO A 44 8.25 2.91 23.29
CA PRO A 44 7.01 2.24 23.72
C PRO A 44 5.74 2.94 23.21
N HIS A 45 4.65 2.20 23.09
CA HIS A 45 3.33 2.69 22.63
C HIS A 45 2.23 2.00 23.43
N SER A 46 1.10 2.68 23.66
CA SER A 46 0.03 2.22 24.58
C SER A 46 -1.07 1.46 23.83
N GLY A 47 -1.26 1.70 22.52
CA GLY A 47 -2.49 1.29 21.80
C GLY A 47 -3.74 2.15 22.13
N GLN A 48 -3.62 3.14 23.03
CA GLN A 48 -4.74 4.00 23.52
C GLN A 48 -5.44 4.65 22.30
N ALA A 49 -6.76 4.53 22.25
CA ALA A 49 -7.66 5.20 21.29
C ALA A 49 -7.75 6.67 21.66
N TYR A 50 -7.69 7.57 20.68
CA TYR A 50 -8.05 9.01 20.81
C TYR A 50 -9.35 9.25 20.04
N ASP A 51 -9.99 10.42 20.23
CA ASP A 51 -11.09 10.88 19.35
C ASP A 51 -10.53 10.96 17.93
N PRO A 52 -11.29 10.50 16.91
CA PRO A 52 -10.84 10.61 15.53
C PRO A 52 -10.63 12.07 15.12
N PHE A 53 -11.30 13.01 15.80
CA PHE A 53 -11.19 14.48 15.54
C PHE A 53 -9.97 15.05 16.27
N ALA A 54 -9.36 14.30 17.20
CA ALA A 54 -8.24 14.79 18.03
C ALA A 54 -7.00 15.01 17.18
N ASP A 55 -6.22 16.05 17.47
CA ASP A 55 -4.86 16.24 16.92
C ASP A 55 -3.91 15.40 17.77
N PHE A 56 -3.87 14.10 17.47
CA PHE A 56 -2.84 13.16 17.97
C PHE A 56 -2.37 12.33 16.79
N THR A 57 -1.06 12.28 16.53
CA THR A 57 -0.46 11.42 15.50
C THR A 57 0.54 10.47 16.17
N ALA A 58 0.27 9.18 16.10
CA ALA A 58 1.22 8.12 16.48
C ALA A 58 2.46 8.21 15.59
N LYS A 59 3.63 8.04 16.21
CA LYS A 59 4.94 8.11 15.53
C LYS A 59 5.49 6.71 15.36
N TRP A 60 5.78 6.33 14.11
CA TRP A 60 6.69 5.21 13.75
C TRP A 60 8.14 5.70 13.78
N THR A 61 8.82 5.55 14.92
CA THR A 61 10.08 6.24 15.23
C THR A 61 11.26 5.50 14.60
N ARG A 62 12.41 6.17 14.63
CA ARG A 62 13.71 5.57 14.24
C ARG A 62 13.98 4.41 15.20
N ALA A 63 13.79 4.62 16.49
CA ALA A 63 14.01 3.59 17.53
C ALA A 63 13.05 2.40 17.30
N ASN A 64 11.80 2.65 16.89
CA ASN A 64 10.92 1.55 16.40
C ASN A 64 11.56 0.88 15.19
N ALA A 65 11.76 1.62 14.11
CA ALA A 65 12.13 1.07 12.78
C ALA A 65 13.42 0.24 12.88
N ARG A 66 14.33 0.62 13.79
CA ARG A 66 15.69 0.04 13.90
C ARG A 66 15.64 -1.35 14.51
N GLN A 67 14.49 -1.73 15.10
CA GLN A 67 14.21 -3.09 15.61
C GLN A 67 14.23 -4.10 14.46
N ILE A 68 13.95 -3.70 13.22
CA ILE A 68 13.87 -4.69 12.11
C ILE A 68 15.24 -5.32 11.96
N LYS A 69 16.23 -4.47 11.68
CA LYS A 69 17.66 -4.85 11.60
C LYS A 69 18.06 -5.56 12.90
N ALA A 70 17.72 -4.97 14.06
CA ALA A 70 18.05 -5.59 15.38
C ALA A 70 17.54 -7.03 15.39
N GLN A 71 16.26 -7.25 15.06
CA GLN A 71 15.62 -8.58 15.15
C GLN A 71 16.28 -9.56 14.15
N SER A 72 17.05 -9.06 13.19
CA SER A 72 17.58 -9.87 12.07
C SER A 72 18.88 -10.57 12.43
N HIS A 73 19.32 -11.50 11.57
CA HIS A 73 20.56 -12.31 11.70
C HIS A 73 21.40 -12.08 10.45
N VAL A 74 22.73 -12.15 10.54
CA VAL A 74 23.66 -12.06 9.38
C VAL A 74 23.49 -13.34 8.58
N PRO A 75 23.04 -13.25 7.31
CA PRO A 75 22.77 -14.46 6.54
C PRO A 75 24.04 -15.22 6.15
N VAL A 76 23.81 -16.51 6.12
CA VAL A 76 24.74 -17.66 6.17
C VAL A 76 24.94 -18.19 4.75
N SER A 77 25.72 -17.54 3.88
CA SER A 77 25.84 -17.95 2.46
C SER A 77 25.98 -19.47 2.42
N PRO A 78 25.03 -20.24 1.85
CA PRO A 78 24.18 -19.77 0.75
C PRO A 78 22.94 -18.91 1.09
N ASP A 79 22.52 -18.88 2.36
CA ASP A 79 21.40 -18.04 2.88
C ASP A 79 21.66 -16.57 2.49
N GLN A 80 20.65 -15.93 1.88
CA GLN A 80 20.57 -14.47 1.56
C GLN A 80 19.31 -13.89 2.24
N ASN A 81 18.87 -14.45 3.36
CA ASN A 81 17.74 -13.86 4.13
C ASN A 81 18.15 -13.55 5.58
N SER A 82 18.14 -12.26 5.95
CA SER A 82 18.40 -11.75 7.33
C SER A 82 17.14 -11.77 8.21
N LEU A 83 15.96 -11.74 7.60
CA LEU A 83 14.66 -11.60 8.34
C LEU A 83 14.40 -12.84 9.18
N PRO A 84 13.72 -12.72 10.35
CA PRO A 84 13.09 -13.86 11.01
C PRO A 84 12.13 -14.51 10.01
N LEU A 85 12.25 -15.83 9.85
CA LEU A 85 11.47 -16.70 8.94
C LEU A 85 9.96 -16.39 9.09
N ASN A 86 9.46 -16.19 10.31
CA ASN A 86 8.06 -15.82 10.63
C ASN A 86 7.63 -14.51 9.95
N LEU A 87 8.57 -13.63 9.60
CA LEU A 87 8.23 -12.33 8.95
C LEU A 87 8.62 -12.36 7.49
N THR A 88 8.97 -13.52 6.91
CA THR A 88 9.45 -13.62 5.50
C THR A 88 8.36 -14.16 4.57
N MET A 89 8.11 -13.49 3.45
CA MET A 89 7.27 -14.07 2.36
C MET A 89 8.04 -15.24 1.76
N PRO A 90 7.43 -16.43 1.59
CA PRO A 90 8.10 -17.55 0.91
C PRO A 90 8.54 -17.21 -0.53
N ASP A 91 9.49 -17.97 -1.06
CA ASP A 91 10.12 -17.72 -2.40
C ASP A 91 9.14 -17.99 -3.55
N ILE A 92 8.89 -17.01 -4.42
CA ILE A 92 7.98 -17.18 -5.58
C ILE A 92 8.81 -17.79 -6.70
N PRO A 93 8.34 -18.89 -7.34
CA PRO A 93 9.00 -19.41 -8.54
C PRO A 93 9.21 -18.39 -9.67
N ALA A 94 10.36 -18.48 -10.33
CA ALA A 94 10.73 -17.64 -11.49
C ALA A 94 9.89 -18.01 -12.71
N ASP A 95 9.29 -19.21 -12.77
CA ASP A 95 8.41 -19.63 -13.89
C ASP A 95 6.96 -19.15 -13.67
N PHE A 96 6.70 -18.14 -12.84
CA PHE A 96 5.32 -17.65 -12.57
C PHE A 96 4.56 -17.37 -13.86
N PRO A 97 3.21 -17.59 -13.90
CA PRO A 97 2.40 -17.15 -15.04
C PRO A 97 2.05 -15.65 -15.03
N GLN A 98 1.75 -15.10 -16.19
CA GLN A 98 1.14 -13.75 -16.29
C GLN A 98 -0.30 -13.87 -15.80
N THR A 99 -0.89 -12.78 -15.36
CA THR A 99 -2.34 -12.74 -15.09
C THR A 99 -3.03 -12.66 -16.45
N ASN A 100 -2.41 -11.90 -17.36
CA ASN A 100 -2.87 -11.75 -18.77
C ASN A 100 -1.62 -11.54 -19.59
N PRO A 101 -1.48 -12.17 -20.77
CA PRO A 101 -0.24 -12.05 -21.53
C PRO A 101 -0.11 -10.62 -22.09
N ASP A 102 -1.24 -9.91 -22.24
CA ASP A 102 -1.33 -8.65 -23.01
C ASP A 102 -1.35 -7.43 -22.07
N VAL A 103 -1.37 -7.64 -20.75
CA VAL A 103 -1.53 -6.53 -19.76
C VAL A 103 -0.43 -6.65 -18.70
N TRP A 104 0.15 -5.52 -18.34
CA TRP A 104 0.88 -5.36 -17.07
C TRP A 104 -0.16 -5.09 -15.96
N VAL A 105 -0.19 -5.91 -14.92
CA VAL A 105 -1.08 -5.83 -13.74
C VAL A 105 -0.22 -5.64 -12.48
N TRP A 106 -0.49 -4.60 -11.67
CA TRP A 106 0.22 -4.42 -10.37
C TRP A 106 -0.80 -4.15 -9.26
N ASP A 107 -0.94 -2.95 -8.71
CA ASP A 107 -1.80 -2.69 -7.51
C ASP A 107 -3.20 -3.27 -7.76
N THR A 108 -3.73 -4.12 -6.87
CA THR A 108 -5.03 -4.79 -7.10
C THR A 108 -5.88 -4.68 -5.84
N TRP A 109 -7.20 -4.62 -6.03
CA TRP A 109 -8.15 -4.56 -4.91
C TRP A 109 -9.42 -5.28 -5.33
N PRO A 110 -10.11 -5.95 -4.39
CA PRO A 110 -11.33 -6.66 -4.72
C PRO A 110 -12.56 -5.75 -4.72
N LEU A 111 -13.64 -6.27 -5.29
CA LEU A 111 -15.01 -5.81 -4.98
C LEU A 111 -15.24 -6.09 -3.48
N ALA A 112 -15.60 -5.05 -2.72
CA ALA A 112 -15.76 -5.10 -1.24
C ALA A 112 -16.89 -4.16 -0.78
N ASP A 113 -17.19 -4.22 0.51
CA ASP A 113 -18.07 -3.24 1.20
C ASP A 113 -17.25 -2.42 2.18
N VAL A 114 -17.87 -1.40 2.75
CA VAL A 114 -17.28 -0.46 3.76
C VAL A 114 -16.84 -1.25 5.00
N HIS A 115 -17.23 -2.52 5.10
CA HIS A 115 -16.81 -3.45 6.18
C HIS A 115 -15.60 -4.26 5.73
N GLY A 116 -15.14 -4.07 4.49
CA GLY A 116 -13.99 -4.80 3.94
C GLY A 116 -14.32 -6.26 3.65
N ASN A 117 -15.61 -6.63 3.71
CA ASN A 117 -16.07 -7.92 3.17
C ASN A 117 -15.81 -7.88 1.67
N GLN A 118 -15.33 -8.98 1.14
CA GLN A 118 -15.07 -9.18 -0.31
C GLN A 118 -16.30 -9.83 -0.94
N LEU A 119 -16.77 -9.23 -2.02
CA LEU A 119 -18.14 -9.45 -2.54
C LEU A 119 -18.09 -10.10 -3.92
N SER A 120 -18.83 -11.19 -4.05
CA SER A 120 -19.21 -11.80 -5.35
C SER A 120 -20.54 -11.20 -5.81
N PHE A 121 -20.78 -11.30 -7.12
CA PHE A 121 -22.01 -10.80 -7.77
C PHE A 121 -22.43 -11.86 -8.78
N GLN A 122 -23.58 -12.49 -8.52
CA GLN A 122 -24.20 -13.54 -9.36
C GLN A 122 -23.21 -14.70 -9.56
N GLY A 123 -22.52 -15.12 -8.50
CA GLY A 123 -21.57 -16.25 -8.51
C GLY A 123 -20.21 -15.90 -9.10
N TRP A 124 -19.94 -14.61 -9.41
CA TRP A 124 -18.66 -14.12 -10.00
C TRP A 124 -17.81 -13.39 -8.95
N GLU A 125 -16.50 -13.66 -8.96
CA GLU A 125 -15.48 -12.88 -8.24
C GLU A 125 -15.03 -11.75 -9.16
N VAL A 126 -14.71 -10.58 -8.59
CA VAL A 126 -14.35 -9.35 -9.35
C VAL A 126 -13.14 -8.71 -8.65
N ILE A 127 -12.08 -8.36 -9.39
CA ILE A 127 -10.95 -7.52 -8.88
C ILE A 127 -10.74 -6.33 -9.82
N PHE A 128 -10.03 -5.34 -9.29
CA PHE A 128 -9.59 -4.14 -10.03
C PHE A 128 -8.09 -4.00 -9.85
N SER A 129 -7.41 -3.62 -10.93
CA SER A 129 -5.94 -3.54 -11.00
C SER A 129 -5.54 -2.29 -11.74
N LEU A 130 -4.39 -1.73 -11.36
CA LEU A 130 -3.66 -0.81 -12.23
C LEU A 130 -3.13 -1.65 -13.38
N THR A 131 -3.27 -1.12 -14.59
CA THR A 131 -2.90 -1.81 -15.85
C THR A 131 -2.05 -0.85 -16.68
N ALA A 132 -1.19 -1.43 -17.51
CA ALA A 132 -0.47 -0.71 -18.59
C ALA A 132 -0.11 -1.72 -19.69
N ASP A 133 0.42 -1.21 -20.80
CA ASP A 133 0.73 -1.95 -22.05
C ASP A 133 2.20 -2.34 -22.06
N PRO A 134 2.54 -3.65 -22.13
CA PRO A 134 3.93 -4.08 -22.15
C PRO A 134 4.71 -3.75 -23.45
N HIS A 135 4.00 -3.51 -24.55
CA HIS A 135 4.60 -3.30 -25.89
C HIS A 135 4.35 -1.86 -26.41
N ALA A 136 3.96 -0.91 -25.55
CA ALA A 136 3.69 0.49 -25.96
C ALA A 136 5.00 1.30 -26.02
N GLY A 137 6.16 0.68 -25.77
CA GLY A 137 7.48 1.32 -25.91
C GLY A 137 8.13 1.65 -24.57
N TYR A 138 7.33 1.98 -23.56
CA TYR A 138 7.82 2.38 -22.22
C TYR A 138 8.15 1.13 -21.42
N VAL A 139 9.21 1.21 -20.60
CA VAL A 139 9.65 0.08 -19.71
C VAL A 139 8.71 0.03 -18.49
N PHE A 140 8.76 -1.11 -17.82
CA PHE A 140 7.98 -1.48 -16.62
C PHE A 140 8.08 -0.36 -15.57
N ASP A 141 9.27 0.23 -15.38
CA ASP A 141 9.52 1.18 -14.26
C ASP A 141 8.95 2.56 -14.61
N ASP A 142 8.64 2.83 -15.89
CA ASP A 142 7.93 4.08 -16.31
C ASP A 142 6.45 3.79 -16.60
N ARG A 143 5.91 2.66 -16.14
CA ARG A 143 4.49 2.29 -16.32
C ARG A 143 3.54 3.25 -15.61
N HIS A 144 4.00 3.83 -14.51
CA HIS A 144 3.20 4.53 -13.46
C HIS A 144 2.39 5.67 -14.07
N VAL A 145 3.00 6.46 -14.93
CA VAL A 145 2.36 7.70 -15.47
C VAL A 145 1.41 7.29 -16.61
N HIS A 146 1.40 6.01 -17.00
CA HIS A 146 0.51 5.44 -18.06
C HIS A 146 -0.57 4.53 -17.45
N ALA A 147 -0.76 4.53 -16.13
CA ALA A 147 -1.64 3.55 -15.46
C ALA A 147 -3.11 3.86 -15.81
N ARG A 148 -3.88 2.82 -16.14
CA ARG A 148 -5.35 2.80 -16.30
C ARG A 148 -5.93 1.74 -15.36
N ILE A 149 -7.09 2.00 -14.75
CA ILE A 149 -7.82 1.01 -13.92
C ILE A 149 -8.59 0.06 -14.85
N GLY A 150 -8.26 -1.24 -14.76
CA GLY A 150 -8.96 -2.34 -15.42
C GLY A 150 -9.68 -3.21 -14.40
N PHE A 151 -10.52 -4.13 -14.84
CA PHE A 151 -11.10 -5.14 -13.92
C PHE A 151 -10.94 -6.52 -14.55
N PHE A 152 -10.94 -7.53 -13.69
CA PHE A 152 -10.94 -8.96 -14.06
C PHE A 152 -12.06 -9.64 -13.28
N TYR A 153 -12.60 -10.72 -13.85
CA TYR A 153 -13.61 -11.55 -13.13
C TYR A 153 -13.31 -13.03 -13.40
N ARG A 154 -13.95 -13.88 -12.59
CA ARG A 154 -13.93 -15.35 -12.66
C ARG A 154 -15.03 -15.86 -11.73
N LYS A 155 -15.42 -17.13 -11.86
CA LYS A 155 -16.45 -17.80 -11.03
C LYS A 155 -15.90 -17.97 -9.60
N ALA A 156 -16.68 -17.64 -8.56
CA ALA A 156 -16.32 -17.89 -7.15
C ALA A 156 -16.33 -19.40 -6.84
N GLY A 157 -15.65 -19.79 -5.80
CA GLY A 157 -15.72 -21.15 -5.22
C GLY A 157 -15.19 -22.25 -6.12
N ILE A 158 -14.42 -21.97 -7.17
CA ILE A 158 -13.81 -23.06 -7.98
C ILE A 158 -12.64 -23.67 -7.20
N PRO A 159 -12.53 -25.01 -7.10
CA PRO A 159 -11.41 -25.66 -6.41
C PRO A 159 -10.12 -25.58 -7.26
N ALA A 160 -8.95 -25.75 -6.61
CA ALA A 160 -7.61 -25.57 -7.22
C ALA A 160 -7.47 -26.50 -8.44
N ASN A 161 -8.06 -27.70 -8.38
CA ASN A 161 -7.91 -28.73 -9.44
C ASN A 161 -8.61 -28.26 -10.71
N GLN A 162 -9.52 -27.29 -10.60
CA GLN A 162 -10.30 -26.78 -11.75
C GLN A 162 -9.92 -25.33 -12.05
N ARG A 163 -9.21 -24.64 -11.14
CA ARG A 163 -8.63 -23.30 -11.42
C ARG A 163 -7.35 -23.45 -12.22
N PRO A 164 -7.19 -22.75 -13.36
CA PRO A 164 -5.89 -22.72 -14.04
C PRO A 164 -4.78 -22.14 -13.13
N ILE A 165 -3.53 -22.44 -13.45
CA ILE A 165 -2.33 -22.00 -12.68
C ILE A 165 -2.25 -20.46 -12.61
N ASP A 166 -2.75 -19.76 -13.63
CA ASP A 166 -2.70 -18.27 -13.71
C ASP A 166 -3.88 -17.64 -12.97
N GLY A 167 -4.71 -18.47 -12.33
CA GLY A 167 -5.88 -18.07 -11.54
C GLY A 167 -7.17 -17.92 -12.35
N GLY A 168 -7.10 -18.04 -13.68
CA GLY A 168 -8.28 -18.04 -14.57
C GLY A 168 -8.99 -16.69 -14.64
N TRP A 169 -8.31 -15.60 -14.37
CA TRP A 169 -8.91 -14.24 -14.43
C TRP A 169 -9.27 -13.89 -15.88
N ILE A 170 -10.52 -13.49 -16.14
CA ILE A 170 -10.96 -12.98 -17.48
C ILE A 170 -10.77 -11.45 -17.44
N TYR A 171 -10.01 -10.92 -18.39
CA TYR A 171 -9.76 -9.47 -18.49
C TYR A 171 -11.05 -8.81 -18.98
N GLY A 172 -11.61 -7.93 -18.15
CA GLY A 172 -12.79 -7.13 -18.49
C GLY A 172 -12.43 -5.91 -19.31
N GLY A 173 -11.17 -5.47 -19.22
CA GLY A 173 -10.66 -4.23 -19.86
C GLY A 173 -10.72 -3.01 -18.93
N HIS A 174 -10.63 -1.82 -19.52
CA HIS A 174 -10.65 -0.52 -18.81
C HIS A 174 -12.01 -0.36 -18.12
N LEU A 175 -12.00 -0.06 -16.82
CA LEU A 175 -13.22 0.18 -16.02
C LEU A 175 -13.87 1.52 -16.40
N PHE A 176 -13.10 2.59 -16.63
CA PHE A 176 -13.70 3.93 -16.88
C PHE A 176 -13.69 4.22 -18.38
N PRO A 177 -14.71 4.97 -18.90
CA PRO A 177 -14.69 5.49 -20.27
C PRO A 177 -13.47 6.35 -20.58
N ASP A 178 -12.96 6.27 -21.81
CA ASP A 178 -11.82 7.11 -22.26
C ASP A 178 -12.13 8.56 -21.88
N GLY A 179 -11.16 9.26 -21.27
CA GLY A 179 -11.21 10.70 -20.97
C GLY A 179 -12.01 11.06 -19.73
N SER A 180 -12.70 10.11 -19.10
CA SER A 180 -13.53 10.38 -17.91
C SER A 180 -12.64 10.80 -16.73
N SER A 181 -11.47 10.18 -16.59
CA SER A 181 -10.60 10.33 -15.41
C SER A 181 -9.88 11.69 -15.41
N VAL A 182 -9.53 12.20 -16.59
CA VAL A 182 -8.58 13.34 -16.78
C VAL A 182 -9.37 14.66 -16.81
N LYS A 183 -10.71 14.57 -16.91
CA LYS A 183 -11.61 15.76 -16.97
C LYS A 183 -11.33 16.68 -15.78
N VAL A 184 -11.06 16.11 -14.60
CA VAL A 184 -10.84 16.77 -13.28
C VAL A 184 -9.77 17.85 -13.40
N PHE A 185 -8.83 17.72 -14.35
CA PHE A 185 -7.65 18.62 -14.50
C PHE A 185 -7.93 19.75 -15.50
N GLY A 186 -9.21 20.00 -15.85
CA GLY A 186 -9.58 21.15 -16.71
C GLY A 186 -8.61 21.32 -17.89
N ASN A 187 -7.77 22.37 -17.85
CA ASN A 187 -6.95 22.84 -19.01
C ASN A 187 -5.46 22.94 -18.67
N VAL A 188 -5.03 22.56 -17.46
CA VAL A 188 -3.64 22.75 -16.94
C VAL A 188 -2.65 22.15 -17.91
N PRO A 189 -1.39 22.66 -17.96
CA PRO A 189 -0.33 22.03 -18.74
C PRO A 189 -0.08 20.61 -18.21
N MET A 190 0.07 19.63 -19.10
CA MET A 190 0.34 18.23 -18.72
C MET A 190 0.92 17.45 -19.91
N THR A 191 1.76 16.46 -19.61
CA THR A 191 2.45 15.58 -20.59
C THR A 191 2.03 14.12 -20.37
N GLN A 192 1.24 13.85 -19.33
CA GLN A 192 0.55 12.55 -19.11
C GLN A 192 -0.48 12.67 -17.97
N ASN A 193 -1.39 11.70 -17.95
CA ASN A 193 -2.32 11.48 -16.82
C ASN A 193 -2.42 9.97 -16.57
N ALA A 194 -2.78 9.61 -15.35
CA ALA A 194 -2.93 8.21 -14.92
C ALA A 194 -3.99 8.14 -13.84
N GLU A 195 -4.42 6.91 -13.62
CA GLU A 195 -5.38 6.48 -12.59
C GLU A 195 -4.60 5.58 -11.62
N TRP A 196 -4.53 5.98 -10.35
CA TRP A 196 -3.72 5.32 -9.29
C TRP A 196 -4.68 4.73 -8.26
N SER A 197 -4.19 3.93 -7.31
CA SER A 197 -5.02 2.94 -6.58
C SER A 197 -6.02 3.61 -5.65
N GLY A 198 -7.00 2.81 -5.21
CA GLY A 198 -7.90 3.10 -4.07
C GLY A 198 -8.68 1.83 -3.73
N GLY A 199 -10.00 1.86 -3.90
CA GLY A 199 -10.90 0.78 -3.45
C GLY A 199 -12.25 0.83 -4.14
N ALA A 200 -12.93 -0.32 -4.21
CA ALA A 200 -14.29 -0.45 -4.76
C ALA A 200 -15.24 -0.80 -3.61
N ARG A 201 -16.35 -0.07 -3.54
CA ARG A 201 -17.39 -0.22 -2.49
C ARG A 201 -18.73 -0.48 -3.18
N PHE A 202 -19.27 -1.68 -2.99
CA PHE A 202 -20.65 -2.05 -3.43
C PHE A 202 -21.61 -1.31 -2.48
N VAL A 203 -22.63 -0.62 -2.99
CA VAL A 203 -23.48 0.32 -2.19
C VAL A 203 -24.95 0.21 -2.63
N ASN A 214 -26.82 2.78 -9.79
CA ASN A 214 -25.35 2.73 -9.59
C ASN A 214 -25.05 2.06 -8.24
N ASN A 215 -24.80 0.76 -8.27
CA ASN A 215 -24.54 -0.06 -7.07
C ASN A 215 -23.04 -0.03 -6.69
N VAL A 216 -22.11 0.57 -7.46
CA VAL A 216 -20.63 0.49 -7.23
C VAL A 216 -19.93 1.87 -7.30
N SER A 217 -19.19 2.22 -6.24
CA SER A 217 -18.39 3.46 -6.06
C SER A 217 -16.89 3.15 -6.14
N LEU A 218 -16.19 3.65 -7.16
CA LEU A 218 -14.72 3.44 -7.31
C LEU A 218 -13.98 4.69 -6.84
N TYR A 219 -13.42 4.59 -5.63
CA TYR A 219 -12.46 5.56 -5.03
C TYR A 219 -11.06 5.26 -5.58
N TYR A 220 -10.37 6.27 -6.08
CA TYR A 220 -9.03 6.12 -6.69
C TYR A 220 -8.33 7.46 -6.72
N THR A 221 -7.11 7.48 -7.28
CA THR A 221 -6.30 8.71 -7.40
C THR A 221 -6.14 9.08 -8.89
N ALA A 222 -6.68 10.23 -9.29
CA ALA A 222 -6.44 10.86 -10.61
C ALA A 222 -5.11 11.62 -10.49
N THR A 223 -4.21 11.37 -11.42
CA THR A 223 -2.88 12.03 -11.43
C THR A 223 -2.73 12.68 -12.80
N SER A 224 -1.99 13.80 -12.79
CA SER A 224 -1.56 14.62 -13.94
C SER A 224 -0.09 14.99 -13.71
N PHE A 225 0.69 14.92 -14.77
CA PHE A 225 2.16 15.12 -14.74
C PHE A 225 2.52 16.09 -15.84
N ASN A 226 3.57 16.89 -15.64
CA ASN A 226 4.09 17.87 -16.65
C ASN A 226 5.61 17.78 -16.66
N ARG A 227 6.13 16.85 -17.46
CA ARG A 227 7.56 16.43 -17.41
C ARG A 227 8.29 16.90 -18.68
N ASN A 228 9.58 17.21 -18.51
CA ASN A 228 10.50 17.57 -19.62
C ASN A 228 11.19 16.30 -20.11
N ALA A 229 12.09 16.47 -21.09
CA ALA A 229 12.98 15.43 -21.66
C ALA A 229 13.47 14.48 -20.56
N GLN A 230 14.22 15.00 -19.58
CA GLN A 230 14.94 14.18 -18.57
C GLN A 230 13.94 13.50 -17.62
N GLY A 231 12.66 13.86 -17.69
CA GLY A 231 11.63 13.37 -16.77
C GLY A 231 11.66 14.17 -15.48
N GLY A 232 12.10 15.41 -15.53
CA GLY A 232 11.94 16.39 -14.44
C GLY A 232 10.59 17.06 -14.54
N ASN A 233 9.99 17.41 -13.40
CA ASN A 233 8.66 18.08 -13.36
C ASN A 233 8.80 19.53 -13.83
N ILE A 234 8.14 19.89 -14.92
CA ILE A 234 8.00 21.31 -15.36
C ILE A 234 7.20 22.04 -14.28
N THR A 235 6.06 21.44 -13.93
CA THR A 235 5.15 21.88 -12.85
C THR A 235 4.95 20.66 -11.94
N PRO A 236 4.62 20.87 -10.65
CA PRO A 236 4.50 19.74 -9.73
C PRO A 236 3.38 18.79 -10.14
N PRO A 237 3.56 17.46 -10.09
CA PRO A 237 2.45 16.55 -10.37
C PRO A 237 1.18 16.91 -9.57
N ILE A 238 0.02 16.55 -10.10
CA ILE A 238 -1.30 16.84 -9.44
C ILE A 238 -1.91 15.50 -9.06
N ALA A 239 -2.27 15.33 -7.80
CA ALA A 239 -2.84 14.06 -7.30
C ALA A 239 -4.12 14.39 -6.55
N ILE A 240 -5.25 13.82 -7.00
CA ILE A 240 -6.61 14.14 -6.50
C ILE A 240 -7.37 12.83 -6.29
N ILE A 241 -7.76 12.59 -5.04
CA ILE A 241 -8.57 11.41 -4.65
C ILE A 241 -10.00 11.69 -5.15
N SER A 242 -10.47 10.81 -6.01
CA SER A 242 -11.74 10.99 -6.75
C SER A 242 -12.67 9.80 -6.53
N ARG A 243 -13.94 10.03 -6.82
CA ARG A 243 -15.00 8.97 -6.77
C ARG A 243 -15.74 8.92 -8.11
N ALA A 244 -15.86 7.72 -8.70
CA ALA A 244 -16.69 7.44 -9.88
C ALA A 244 -17.66 6.33 -9.53
N ASP A 245 -18.94 6.52 -9.85
CA ASP A 245 -20.04 5.57 -9.59
C ASP A 245 -20.50 4.92 -10.90
N GLY A 246 -20.83 3.62 -10.86
CA GLY A 246 -21.37 2.87 -12.00
C GLY A 246 -22.18 1.67 -11.54
N GLN A 247 -22.54 0.76 -12.44
CA GLN A 247 -23.36 -0.41 -12.05
C GLN A 247 -22.70 -1.69 -12.55
N ILE A 248 -22.36 -2.60 -11.66
CA ILE A 248 -21.97 -3.97 -12.08
C ILE A 248 -23.24 -4.67 -12.58
N GLN A 249 -23.09 -5.44 -13.67
CA GLN A 249 -24.13 -6.31 -14.29
C GLN A 249 -23.48 -7.64 -14.68
N ALA A 250 -24.21 -8.74 -14.59
CA ALA A 250 -23.72 -10.08 -14.96
C ALA A 250 -24.89 -10.99 -15.37
N ASP A 251 -24.54 -11.98 -16.18
CA ASP A 251 -25.37 -13.15 -16.56
C ASP A 251 -24.50 -14.38 -16.30
N ASP A 252 -24.85 -15.52 -16.88
CA ASP A 252 -24.20 -16.83 -16.63
C ASP A 252 -22.84 -16.89 -17.31
N LYS A 253 -22.50 -15.93 -18.18
CA LYS A 253 -21.35 -16.02 -19.11
C LYS A 253 -20.33 -14.90 -18.86
N HIS A 254 -20.72 -13.75 -18.30
CA HIS A 254 -19.74 -12.67 -18.01
C HIS A 254 -20.29 -11.65 -17.00
N VAL A 255 -19.37 -10.78 -16.60
CA VAL A 255 -19.60 -9.55 -15.79
C VAL A 255 -19.27 -8.36 -16.65
N TRP A 256 -20.00 -7.26 -16.53
CA TRP A 256 -19.62 -5.98 -17.17
C TRP A 256 -20.16 -4.81 -16.35
N PHE A 257 -19.68 -3.60 -16.61
CA PHE A 257 -20.11 -2.40 -15.87
C PHE A 257 -20.71 -1.40 -16.83
N THR A 258 -21.51 -0.49 -16.29
CA THR A 258 -21.93 0.77 -16.95
C THR A 258 -21.60 1.93 -16.03
N GLY A 259 -21.71 3.17 -16.53
CA GLY A 259 -21.56 4.36 -15.69
C GLY A 259 -20.10 4.74 -15.59
N PHE A 260 -19.67 5.35 -14.47
CA PHE A 260 -18.30 5.86 -14.24
C PHE A 260 -17.95 6.97 -15.25
N ASP A 261 -18.94 7.76 -15.63
CA ASP A 261 -18.88 8.82 -16.67
C ASP A 261 -18.53 10.14 -15.99
N GLN A 262 -19.13 10.39 -14.84
CA GLN A 262 -19.01 11.66 -14.07
C GLN A 262 -18.13 11.37 -12.87
N HIS A 263 -16.89 11.88 -12.91
CA HIS A 263 -15.88 11.79 -11.84
C HIS A 263 -16.07 12.95 -10.83
N LEU A 264 -16.19 12.62 -9.54
CA LEU A 264 -16.28 13.56 -8.39
C LEU A 264 -14.90 13.70 -7.73
N PRO A 265 -14.22 14.87 -7.84
CA PRO A 265 -13.01 15.12 -7.05
C PRO A 265 -13.38 15.31 -5.58
N LEU A 266 -12.68 14.64 -4.66
CA LEU A 266 -13.02 14.64 -3.21
C LEU A 266 -11.94 15.37 -2.42
N LEU A 267 -10.66 15.05 -2.63
CA LEU A 267 -9.53 15.51 -1.76
C LEU A 267 -8.25 15.68 -2.60
N ALA A 268 -7.52 16.77 -2.34
CA ALA A 268 -6.11 17.03 -2.72
C ALA A 268 -5.42 17.70 -1.53
N PRO A 269 -4.08 17.64 -1.41
CA PRO A 269 -3.40 18.16 -0.23
C PRO A 269 -3.74 19.63 0.11
N ASP A 270 -3.76 19.94 1.40
CA ASP A 270 -4.18 21.24 1.99
C ASP A 270 -2.95 22.08 2.36
N GLY A 271 -1.81 21.42 2.59
CA GLY A 271 -0.55 22.09 2.98
C GLY A 271 -0.44 22.28 4.47
N LYS A 272 -1.45 21.81 5.24
CA LYS A 272 -1.56 21.96 6.72
C LYS A 272 -1.41 20.58 7.38
N TYR A 273 -2.18 19.58 6.97
CA TYR A 273 -1.98 18.18 7.42
C TYR A 273 -1.18 17.40 6.37
N TYR A 274 -1.45 17.61 5.06
CA TYR A 274 -0.92 16.79 3.92
C TYR A 274 -0.22 17.70 2.91
N GLN A 275 1.03 17.35 2.59
CA GLN A 275 2.02 18.06 1.76
C GLN A 275 1.53 18.22 0.31
N THR A 276 1.48 19.45 -0.18
CA THR A 276 1.15 19.80 -1.58
C THR A 276 2.38 19.60 -2.47
N GLY A 277 2.14 19.54 -3.78
CA GLY A 277 3.15 19.68 -4.84
C GLY A 277 4.04 20.92 -4.70
N GLN A 278 3.51 22.06 -4.21
CA GLN A 278 4.22 23.35 -4.09
C GLN A 278 5.29 23.28 -2.99
N GLN A 279 4.95 22.63 -1.89
CA GLN A 279 5.85 22.34 -0.74
C GLN A 279 6.91 21.28 -1.12
N ASN A 280 6.54 20.33 -1.98
CA ASN A 280 7.39 19.14 -2.33
C ASN A 280 6.88 18.60 -3.68
N GLU A 281 7.62 18.86 -4.75
CA GLU A 281 7.34 18.31 -6.09
C GLU A 281 7.30 16.77 -6.04
N PHE A 282 7.97 16.10 -5.07
CA PHE A 282 8.00 14.61 -4.99
C PHE A 282 7.05 14.11 -3.89
N PHE A 283 6.08 14.93 -3.50
CA PHE A 283 5.04 14.55 -2.51
C PHE A 283 4.24 13.34 -3.01
N SER A 284 3.62 12.63 -2.07
CA SER A 284 2.69 11.50 -2.27
C SER A 284 1.34 11.82 -1.63
N PHE A 285 0.28 11.46 -2.35
CA PHE A 285 -1.14 11.66 -2.00
C PHE A 285 -1.98 10.69 -2.82
N ARG A 286 -2.41 9.55 -2.26
CA ARG A 286 -3.07 8.49 -3.05
C ARG A 286 -3.58 7.35 -2.18
N ASP A 287 -4.24 6.38 -2.83
CA ASP A 287 -4.58 5.04 -2.28
C ASP A 287 -5.62 5.20 -1.18
N PRO A 288 -6.81 5.77 -1.46
CA PRO A 288 -7.88 5.80 -0.46
C PRO A 288 -8.45 4.41 -0.15
N TYR A 289 -8.64 4.13 1.14
CA TYR A 289 -9.34 2.95 1.69
C TYR A 289 -10.50 3.45 2.56
N VAL A 290 -11.74 3.32 2.05
CA VAL A 290 -13.01 3.84 2.65
C VAL A 290 -13.62 2.71 3.49
N PHE A 291 -14.01 3.00 4.74
CA PHE A 291 -14.49 1.98 5.70
C PHE A 291 -15.40 2.62 6.74
N LEU A 292 -16.27 1.80 7.32
CA LEU A 292 -17.14 2.14 8.46
C LEU A 292 -16.47 1.60 9.73
N ASP A 293 -16.31 2.47 10.73
CA ASP A 293 -15.91 2.09 12.09
C ASP A 293 -17.19 1.86 12.90
N PRO A 294 -17.45 0.60 13.30
CA PRO A 294 -18.57 0.24 14.17
C PRO A 294 -18.62 1.07 15.44
N ALA A 295 -17.46 1.51 15.96
CA ALA A 295 -17.35 2.36 17.15
C ALA A 295 -17.91 3.75 16.83
N HIS A 296 -18.15 4.05 15.54
CA HIS A 296 -18.56 5.40 15.07
C HIS A 296 -19.56 5.25 13.92
N PRO A 297 -20.79 4.76 14.18
CA PRO A 297 -21.79 4.66 13.13
C PRO A 297 -22.34 6.07 12.84
N GLY A 298 -23.04 6.22 11.71
CA GLY A 298 -23.44 7.53 11.16
C GLY A 298 -22.29 8.19 10.42
N LYS A 299 -21.07 7.67 10.61
CA LYS A 299 -19.85 8.21 9.94
C LYS A 299 -19.26 7.16 9.00
N THR A 300 -18.54 7.62 8.01
CA THR A 300 -17.73 6.78 7.12
C THR A 300 -16.37 7.48 7.00
N PHE A 301 -15.30 6.67 7.04
CA PHE A 301 -13.92 7.18 7.16
C PHE A 301 -13.13 6.75 5.94
N MET A 302 -11.93 7.30 5.81
CA MET A 302 -10.98 7.00 4.72
C MET A 302 -9.57 7.14 5.27
N VAL A 303 -8.73 6.12 5.09
CA VAL A 303 -7.25 6.27 5.23
C VAL A 303 -6.64 6.41 3.83
N PHE A 304 -5.46 7.03 3.75
CA PHE A 304 -4.80 7.30 2.46
C PHE A 304 -3.34 7.65 2.74
N GLU A 305 -2.50 7.63 1.70
CA GLU A 305 -1.05 7.93 1.82
C GLU A 305 -0.90 9.43 1.64
N GLY A 306 -0.09 10.06 2.49
CA GLY A 306 0.31 11.47 2.44
C GLY A 306 1.76 11.63 2.83
N ASN A 307 2.17 12.89 2.97
CA ASN A 307 3.52 13.32 3.40
C ASN A 307 3.29 14.42 4.44
N THR A 308 4.20 14.59 5.41
CA THR A 308 4.02 15.60 6.47
C THR A 308 4.08 16.97 5.79
N ALA A 309 3.19 17.91 6.10
CA ALA A 309 3.11 19.22 5.41
C ALA A 309 4.21 20.15 5.94
N VAL A 310 5.38 20.06 5.33
CA VAL A 310 6.49 21.04 5.51
C VAL A 310 7.06 21.36 4.15
N GLN A 311 7.84 22.45 4.05
CA GLN A 311 8.61 22.84 2.83
C GLN A 311 9.66 21.74 2.67
N ARG A 312 9.93 21.26 1.45
CA ARG A 312 10.97 20.21 1.24
C ARG A 312 12.27 20.81 1.76
N GLY A 313 13.09 20.03 2.45
CA GLY A 313 14.40 20.48 2.94
C GLY A 313 14.37 21.12 4.32
N SER A 314 13.20 21.37 4.91
CA SER A 314 13.09 21.85 6.32
C SER A 314 13.76 20.87 7.27
N ARG A 315 14.50 21.36 8.27
CA ARG A 315 15.09 20.53 9.35
C ARG A 315 14.04 20.41 10.47
N SER A 316 12.90 19.78 10.19
CA SER A 316 11.68 19.84 11.04
C SER A 316 11.45 18.55 11.81
N CYS A 317 12.34 17.55 11.74
CA CYS A 317 12.24 16.33 12.59
C CYS A 317 12.51 16.72 14.06
N THR A 318 11.81 16.11 15.02
CA THR A 318 12.01 16.35 16.48
C THR A 318 12.50 15.07 17.17
N GLU A 319 12.86 15.20 18.45
CA GLU A 319 13.17 14.05 19.35
C GLU A 319 12.05 13.00 19.29
N ALA A 320 10.80 13.44 19.06
CA ALA A 320 9.61 12.54 18.99
C ALA A 320 9.82 11.54 17.85
N ASP A 321 10.40 11.98 16.73
CA ASP A 321 10.51 11.16 15.50
C ASP A 321 11.65 10.17 15.69
N LEU A 322 12.67 10.55 16.47
CA LEU A 322 13.79 9.66 16.88
C LEU A 322 13.30 8.67 17.94
N GLY A 323 12.77 9.21 19.03
CA GLY A 323 11.99 8.43 20.02
C GLY A 323 12.88 7.59 20.93
N TYR A 324 14.05 8.12 21.27
CA TYR A 324 15.04 7.49 22.19
C TYR A 324 14.76 7.87 23.63
N SER A 325 15.16 6.99 24.54
CA SER A 325 15.36 7.31 25.98
C SER A 325 16.68 8.06 26.13
N PRO A 326 16.82 8.96 27.14
CA PRO A 326 17.93 9.90 27.16
C PRO A 326 19.30 9.20 27.38
N ASN A 327 19.29 8.07 28.12
CA ASN A 327 20.52 7.38 28.60
C ASN A 327 20.77 6.11 27.76
N ASP A 328 19.88 5.78 26.82
CA ASP A 328 20.12 4.67 25.84
C ASP A 328 21.48 4.91 25.20
N PRO A 329 22.48 4.00 25.37
CA PRO A 329 23.80 4.20 24.76
C PRO A 329 23.73 4.24 23.23
N ASN A 330 22.63 3.75 22.65
CA ASN A 330 22.51 3.48 21.20
C ASN A 330 21.58 4.52 20.59
N LYS A 331 21.25 5.59 21.33
CA LYS A 331 20.46 6.74 20.78
C LYS A 331 21.21 7.33 19.58
N GLU A 332 20.61 8.34 18.94
CA GLU A 332 21.26 9.17 17.90
C GLU A 332 21.06 10.64 18.26
N ASP A 333 21.99 11.49 17.85
CA ASP A 333 21.88 12.96 17.93
C ASP A 333 20.91 13.43 16.82
N LEU A 334 19.92 14.26 17.17
CA LEU A 334 18.95 14.86 16.22
C LEU A 334 19.70 15.54 15.06
N ASN A 335 20.63 16.43 15.36
CA ASN A 335 21.33 17.19 14.29
C ASN A 335 22.06 16.20 13.38
N ALA A 336 22.72 15.18 13.96
CA ALA A 336 23.40 14.11 13.19
C ALA A 336 22.42 13.48 12.20
N VAL A 337 21.22 13.10 12.69
CA VAL A 337 20.17 12.46 11.86
C VAL A 337 19.77 13.42 10.73
N MET A 338 19.48 14.69 11.02
CA MET A 338 19.00 15.62 9.99
C MET A 338 20.12 15.91 8.98
N ASP A 339 21.39 15.98 9.41
CA ASP A 339 22.58 16.16 8.53
C ASP A 339 22.67 14.98 7.54
N SER A 340 22.22 13.77 7.91
CA SER A 340 22.34 12.58 7.01
C SER A 340 21.36 12.67 5.82
N GLY A 341 20.37 13.57 5.83
CA GLY A 341 19.40 13.76 4.73
C GLY A 341 18.07 13.06 5.01
N ALA A 342 17.81 12.68 6.26
CA ALA A 342 16.64 11.87 6.68
C ALA A 342 15.40 12.76 6.69
N ILE A 343 15.60 14.09 6.63
CA ILE A 343 14.54 15.13 6.54
C ILE A 343 13.77 14.99 5.21
N TYR A 344 14.26 14.22 4.26
CA TYR A 344 13.60 14.00 2.94
C TYR A 344 12.66 12.80 3.03
N GLN A 345 12.60 12.16 4.20
CA GLN A 345 11.75 10.97 4.41
C GLN A 345 10.68 11.36 5.43
N MET A 346 9.46 11.64 4.98
CA MET A 346 8.42 12.22 5.86
C MET A 346 7.06 11.67 5.46
N ALA A 347 6.93 10.35 5.50
CA ALA A 347 5.66 9.63 5.19
C ALA A 347 4.61 9.97 6.25
N ASN A 348 3.32 9.93 5.88
CA ASN A 348 2.22 9.87 6.89
C ASN A 348 1.07 9.05 6.31
N VAL A 349 0.19 8.53 7.16
CA VAL A 349 -1.13 8.00 6.77
C VAL A 349 -2.17 9.02 7.24
N GLY A 350 -2.97 9.56 6.34
CA GLY A 350 -4.05 10.52 6.68
C GLY A 350 -5.37 9.83 6.98
N LEU A 351 -6.27 10.56 7.60
CA LEU A 351 -7.66 10.17 7.87
C LEU A 351 -8.56 11.27 7.34
N ALA A 352 -9.69 10.89 6.72
CA ALA A 352 -10.77 11.81 6.30
C ALA A 352 -12.09 11.18 6.71
N VAL A 353 -13.12 12.00 6.83
CA VAL A 353 -14.47 11.57 7.31
C VAL A 353 -15.47 12.17 6.33
N ALA A 354 -16.56 11.46 6.05
CA ALA A 354 -17.61 11.99 5.14
C ALA A 354 -18.32 13.13 5.86
N THR A 355 -18.41 14.32 5.22
CA THR A 355 -19.21 15.49 5.70
C THR A 355 -20.65 15.39 5.17
N ASN A 356 -21.06 14.23 4.65
CA ASN A 356 -22.50 13.97 4.35
C ASN A 356 -22.78 12.46 4.19
N ASP A 357 -24.07 12.14 4.03
CA ASP A 357 -24.64 10.77 3.86
C ASP A 357 -24.32 10.24 2.46
N GLU A 358 -24.29 11.15 1.48
CA GLU A 358 -24.04 10.89 0.03
C GLU A 358 -22.63 10.27 -0.12
N LEU A 359 -21.72 10.56 0.82
CA LEU A 359 -20.27 10.18 0.84
C LEU A 359 -19.59 10.82 -0.38
N THR A 360 -20.06 12.01 -0.76
CA THR A 360 -19.59 12.78 -1.94
C THR A 360 -18.75 13.96 -1.45
N GLN A 361 -18.61 14.10 -0.14
CA GLN A 361 -17.92 15.26 0.50
C GLN A 361 -17.22 14.75 1.75
N TRP A 362 -15.95 15.11 1.89
CA TRP A 362 -14.99 14.51 2.83
C TRP A 362 -14.20 15.62 3.48
N LYS A 363 -13.95 15.52 4.78
CA LYS A 363 -13.11 16.52 5.48
C LYS A 363 -11.84 15.80 5.97
N PHE A 364 -10.70 16.48 5.86
CA PHE A 364 -9.39 15.99 6.30
C PHE A 364 -9.39 15.98 7.82
N LEU A 365 -8.84 14.93 8.40
CA LEU A 365 -8.51 14.94 9.84
C LEU A 365 -6.99 14.91 9.98
N PRO A 366 -6.44 15.18 11.18
CA PRO A 366 -5.02 15.02 11.41
C PRO A 366 -4.59 13.60 11.09
N PRO A 367 -3.33 13.42 10.64
CA PRO A 367 -2.82 12.10 10.28
C PRO A 367 -2.81 11.19 11.50
N ILE A 368 -2.92 9.90 11.26
CA ILE A 368 -3.01 8.89 12.35
C ILE A 368 -1.66 8.19 12.50
N LEU A 369 -0.73 8.41 11.57
CA LEU A 369 0.64 7.82 11.67
C LEU A 369 1.61 8.64 10.85
N SER A 370 2.74 9.01 11.45
CA SER A 370 3.91 9.62 10.75
C SER A 370 5.11 8.67 10.80
N GLY A 371 5.95 8.73 9.76
CA GLY A 371 7.31 8.16 9.78
C GLY A 371 8.36 9.19 9.43
N ASN A 372 8.34 10.36 10.10
CA ASN A 372 9.26 11.51 9.82
C ASN A 372 10.69 11.07 10.16
N CYS A 373 11.62 11.21 9.20
CA CYS A 373 13.05 10.81 9.35
C CYS A 373 13.18 9.28 9.40
N VAL A 374 12.21 8.54 8.88
CA VAL A 374 12.22 7.04 8.87
C VAL A 374 12.01 6.54 7.43
N ASN A 375 10.93 6.92 6.77
CA ASN A 375 10.57 6.39 5.42
C ASN A 375 9.61 7.37 4.76
N ASP A 376 9.83 7.65 3.47
CA ASP A 376 9.06 8.67 2.71
C ASP A 376 7.70 8.11 2.25
N GLN A 377 7.52 6.77 2.26
CA GLN A 377 6.29 6.08 1.75
C GLN A 377 5.64 5.17 2.79
N THR A 378 4.41 5.51 3.16
CA THR A 378 3.44 4.59 3.77
C THR A 378 2.29 4.48 2.78
N GLU A 379 2.29 3.44 1.93
CA GLU A 379 1.30 3.39 0.82
C GLU A 379 0.17 2.42 1.19
N ARG A 380 -0.87 2.43 0.34
CA ARG A 380 -2.11 1.64 0.44
C ARG A 380 -2.40 1.31 1.90
N PRO A 381 -2.64 2.33 2.75
CA PRO A 381 -3.05 2.06 4.14
C PRO A 381 -4.46 1.42 4.18
N GLN A 382 -4.69 0.52 5.14
CA GLN A 382 -6.03 -0.09 5.42
C GLN A 382 -6.17 -0.24 6.94
N ILE A 383 -7.41 -0.14 7.41
CA ILE A 383 -7.87 -0.44 8.80
C ILE A 383 -8.53 -1.82 8.75
N TYR A 384 -7.86 -2.78 9.38
CA TYR A 384 -8.29 -4.18 9.50
C TYR A 384 -8.79 -4.43 10.94
N LEU A 385 -10.08 -4.73 11.08
CA LEU A 385 -10.79 -4.96 12.38
C LEU A 385 -10.66 -6.42 12.78
N LYS A 386 -10.05 -6.73 13.91
CA LYS A 386 -9.95 -8.12 14.40
C LYS A 386 -9.97 -8.12 15.93
N ASP A 387 -10.83 -8.95 16.53
CA ASP A 387 -10.80 -9.22 17.99
C ASP A 387 -11.12 -7.95 18.77
N GLY A 388 -11.93 -7.05 18.18
CA GLY A 388 -12.20 -5.71 18.76
C GLY A 388 -10.98 -4.79 18.73
N LYS A 389 -9.98 -5.10 17.89
CA LYS A 389 -8.76 -4.28 17.73
C LYS A 389 -8.74 -3.69 16.32
N TYR A 390 -7.92 -2.66 16.14
CA TYR A 390 -7.70 -1.90 14.89
C TYR A 390 -6.25 -2.12 14.43
N TYR A 391 -6.03 -2.84 13.34
CA TYR A 391 -4.70 -2.97 12.69
C TYR A 391 -4.61 -2.01 11.51
N LEU A 392 -3.58 -1.16 11.52
CA LEU A 392 -3.21 -0.32 10.37
C LEU A 392 -2.13 -1.08 9.64
N PHE A 393 -2.42 -1.54 8.42
CA PHE A 393 -1.43 -2.12 7.49
C PHE A 393 -1.15 -1.10 6.39
N THR A 394 0.11 -1.02 5.99
CA THR A 394 0.62 -0.06 4.98
C THR A 394 1.83 -0.70 4.32
N ILE A 395 2.03 -0.44 3.04
CA ILE A 395 3.17 -1.01 2.28
C ILE A 395 4.24 0.06 2.21
N SER A 396 5.49 -0.39 2.13
CA SER A 396 6.68 0.47 1.95
C SER A 396 7.81 -0.28 1.23
N HIS A 397 8.76 0.53 0.72
CA HIS A 397 9.96 0.14 -0.07
C HIS A 397 11.24 0.30 0.75
N ARG A 398 12.13 -0.69 0.69
CA ARG A 398 13.47 -0.59 1.32
C ARG A 398 14.15 0.71 0.89
N THR A 399 14.00 1.09 -0.39
CA THR A 399 14.79 2.21 -1.00
C THR A 399 14.21 3.58 -0.55
N THR A 400 13.06 3.63 0.15
CA THR A 400 12.45 4.92 0.60
C THR A 400 12.71 5.13 2.10
N TYR A 401 13.49 4.24 2.74
CA TYR A 401 14.03 4.46 4.12
C TYR A 401 15.01 5.64 4.17
N ALA A 402 14.88 6.50 5.20
CA ALA A 402 15.88 7.53 5.61
C ALA A 402 17.26 6.89 5.87
N ALA A 403 18.34 7.67 5.71
CA ALA A 403 19.72 7.27 6.11
C ALA A 403 19.71 6.73 7.54
N GLY A 404 20.39 5.61 7.81
CA GLY A 404 20.60 5.05 9.17
C GLY A 404 19.47 4.15 9.63
N VAL A 405 18.50 3.89 8.76
CA VAL A 405 17.32 3.02 9.08
C VAL A 405 17.19 2.09 7.88
N ASP A 406 16.64 0.90 8.08
CA ASP A 406 16.62 -0.12 6.98
C ASP A 406 15.56 -1.17 7.26
N GLY A 407 14.93 -1.66 6.21
CA GLY A 407 13.87 -2.68 6.30
C GLY A 407 13.54 -3.18 4.91
N PRO A 408 12.83 -4.32 4.77
CA PRO A 408 12.46 -4.85 3.45
C PRO A 408 11.26 -4.17 2.76
N ASP A 409 11.12 -4.40 1.43
CA ASP A 409 9.84 -4.19 0.72
C ASP A 409 8.80 -5.15 1.33
N GLY A 410 7.62 -4.61 1.61
CA GLY A 410 6.47 -5.44 2.00
C GLY A 410 5.47 -4.68 2.84
N VAL A 411 4.86 -5.36 3.80
CA VAL A 411 3.73 -4.79 4.60
C VAL A 411 4.18 -4.51 6.03
N TYR A 412 3.78 -3.36 6.53
CA TYR A 412 4.06 -2.89 7.91
C TYR A 412 2.70 -2.85 8.61
N GLY A 413 2.64 -3.21 9.88
CA GLY A 413 1.40 -3.23 10.65
C GLY A 413 1.58 -2.59 12.02
N PHE A 414 0.50 -1.99 12.50
CA PHE A 414 0.36 -1.28 13.79
C PHE A 414 -1.00 -1.67 14.35
N VAL A 415 -1.12 -1.73 15.67
CA VAL A 415 -2.37 -2.18 16.37
C VAL A 415 -2.69 -1.18 17.49
N GLY A 416 -3.97 -0.93 17.65
CA GLY A 416 -4.53 -0.01 18.64
C GLY A 416 -5.97 -0.34 18.94
N ASP A 417 -6.57 0.48 19.80
CA ASP A 417 -7.94 0.32 20.32
C ASP A 417 -8.91 1.19 19.52
N GLY A 418 -8.40 2.00 18.58
CA GLY A 418 -9.22 2.90 17.75
C GLY A 418 -8.56 3.20 16.43
N ILE A 419 -9.31 3.84 15.52
CA ILE A 419 -8.78 4.30 14.20
C ILE A 419 -7.69 5.34 14.41
N ARG A 420 -7.73 6.05 15.54
CA ARG A 420 -6.66 6.95 16.00
C ARG A 420 -6.21 6.46 17.37
N SER A 421 -5.00 5.87 17.39
CA SER A 421 -4.37 5.19 18.55
C SER A 421 -2.93 5.70 18.70
N ASP A 422 -2.38 5.62 19.90
CA ASP A 422 -0.91 5.44 19.99
C ASP A 422 -0.59 4.05 19.44
N PHE A 423 -0.49 3.92 18.11
CA PHE A 423 -0.41 2.62 17.40
C PHE A 423 0.85 1.87 17.84
N ILE A 424 0.68 0.61 18.26
CA ILE A 424 1.81 -0.30 18.62
C ILE A 424 2.34 -0.98 17.35
N PRO A 425 3.59 -0.66 16.92
CA PRO A 425 4.21 -1.31 15.78
C PRO A 425 4.36 -2.82 16.03
N LEU A 426 3.95 -3.66 15.08
CA LEU A 426 3.88 -5.13 15.28
C LEU A 426 5.29 -5.72 15.40
N ASN A 427 5.40 -6.83 16.11
CA ASN A 427 6.58 -7.74 16.04
C ASN A 427 7.85 -7.07 16.58
N GLY A 428 8.03 -7.04 17.90
CA GLY A 428 9.21 -6.41 18.52
C GLY A 428 9.16 -4.89 18.46
N LEU A 429 7.97 -4.28 18.41
CA LEU A 429 7.79 -2.82 18.27
C LEU A 429 8.57 -2.30 17.04
N SER A 430 8.57 -3.07 15.94
CA SER A 430 9.34 -2.79 14.69
C SER A 430 8.45 -2.19 13.61
N GLY A 431 7.22 -2.71 13.46
CA GLY A 431 6.27 -2.38 12.37
C GLY A 431 6.28 -3.38 11.24
N LEU A 432 7.32 -4.19 11.09
CA LEU A 432 7.37 -5.15 9.98
C LEU A 432 6.39 -6.28 10.29
N THR A 433 5.52 -6.55 9.31
CA THR A 433 4.54 -7.65 9.33
C THR A 433 5.04 -8.73 8.38
N LEU A 434 5.39 -8.37 7.12
CA LEU A 434 5.82 -9.33 6.07
C LEU A 434 6.67 -8.66 5.00
N GLY A 435 7.89 -9.14 4.85
CA GLY A 435 8.87 -8.60 3.92
C GLY A 435 9.27 -9.63 2.90
N ASN A 436 9.76 -9.17 1.76
CA ASN A 436 10.48 -10.03 0.79
C ASN A 436 11.75 -10.52 1.45
N PRO A 437 12.19 -11.76 1.17
CA PRO A 437 13.44 -12.27 1.74
C PRO A 437 14.56 -11.32 1.31
N THR A 438 15.29 -10.82 2.30
CA THR A 438 16.26 -9.72 2.14
C THR A 438 17.34 -9.86 3.19
N ASP A 439 18.59 -9.64 2.77
CA ASP A 439 19.75 -9.45 3.67
C ASP A 439 19.97 -7.96 3.91
N LEU A 440 19.68 -7.49 5.13
CA LEU A 440 19.71 -6.06 5.49
C LEU A 440 21.16 -5.67 5.75
N TYR A 441 22.04 -6.66 5.79
CA TYR A 441 23.50 -6.52 6.01
C TYR A 441 24.22 -6.30 4.68
N GLN A 442 23.49 -6.30 3.55
CA GLN A 442 24.03 -6.08 2.18
C GLN A 442 23.16 -5.02 1.52
N PRO A 443 23.67 -4.31 0.49
CA PRO A 443 22.90 -3.24 -0.17
C PRO A 443 21.61 -3.74 -0.85
N ALA A 444 20.69 -2.81 -1.07
CA ALA A 444 19.32 -3.06 -1.59
C ALA A 444 19.36 -3.51 -3.06
N GLY A 445 20.19 -2.86 -3.88
CA GLY A 445 20.06 -2.87 -5.36
C GLY A 445 18.77 -2.20 -5.82
N ALA A 446 18.26 -2.59 -6.99
CA ALA A 446 16.96 -2.13 -7.55
C ALA A 446 16.31 -3.28 -8.31
N PRO A 447 14.97 -3.24 -8.50
CA PRO A 447 14.28 -4.27 -9.26
C PRO A 447 14.71 -4.33 -10.75
N TYR A 448 15.30 -3.25 -11.27
CA TYR A 448 15.75 -3.17 -12.69
C TYR A 448 17.24 -3.49 -12.76
N ALA A 449 17.88 -3.62 -11.59
CA ALA A 449 19.33 -3.84 -11.47
C ALA A 449 19.60 -4.67 -10.22
N LEU A 450 19.42 -5.97 -10.29
CA LEU A 450 19.54 -6.83 -9.09
C LEU A 450 21.01 -6.96 -8.71
N ASN A 451 21.35 -6.63 -7.46
CA ASN A 451 22.69 -6.85 -6.86
C ASN A 451 22.81 -8.33 -6.46
N PRO A 452 23.76 -9.10 -7.06
CA PRO A 452 23.91 -10.53 -6.74
C PRO A 452 24.47 -10.81 -5.34
N ASN A 453 24.92 -9.80 -4.60
CA ASN A 453 25.20 -9.94 -3.14
C ASN A 453 23.88 -9.95 -2.32
N GLN A 454 22.73 -9.76 -2.97
CA GLN A 454 21.42 -9.57 -2.31
C GLN A 454 20.47 -10.66 -2.78
N ASN A 455 19.48 -11.01 -1.97
CA ASN A 455 18.49 -12.03 -2.36
C ASN A 455 17.87 -11.62 -3.70
N PRO A 456 17.85 -12.54 -4.69
CA PRO A 456 17.23 -12.21 -5.98
C PRO A 456 15.70 -11.99 -5.92
N ARG A 457 15.05 -12.32 -4.78
CA ARG A 457 13.60 -12.15 -4.54
C ARG A 457 13.34 -10.99 -3.56
N THR A 458 14.32 -10.12 -3.30
CA THR A 458 14.18 -8.94 -2.42
C THR A 458 13.04 -8.04 -2.94
N PHE A 459 12.82 -8.01 -4.26
CA PHE A 459 11.77 -7.20 -4.91
C PHE A 459 10.74 -8.11 -5.57
N GLN A 460 10.62 -9.35 -5.09
CA GLN A 460 9.73 -10.36 -5.72
C GLN A 460 8.26 -9.93 -5.63
N SER A 461 7.81 -9.29 -4.55
CA SER A 461 6.39 -8.86 -4.47
C SER A 461 6.24 -7.48 -3.86
N TYR A 462 5.13 -6.82 -4.16
CA TYR A 462 4.82 -5.47 -3.64
C TYR A 462 3.31 -5.30 -3.65
N SER A 463 2.80 -4.28 -2.95
CA SER A 463 1.36 -3.92 -2.91
C SER A 463 0.57 -5.02 -2.17
N HIS A 464 1.09 -5.42 -1.01
CA HIS A 464 0.44 -6.44 -0.15
C HIS A 464 -0.87 -5.85 0.37
N TYR A 465 -1.96 -6.54 0.08
CA TYR A 465 -3.31 -6.19 0.54
C TYR A 465 -3.86 -7.32 1.39
N VAL A 466 -4.20 -7.00 2.64
CA VAL A 466 -4.66 -7.98 3.65
C VAL A 466 -6.18 -8.17 3.51
N MET A 467 -6.58 -9.42 3.38
CA MET A 467 -7.99 -9.83 3.16
C MET A 467 -8.55 -10.49 4.41
N PRO A 468 -9.90 -10.61 4.55
CA PRO A 468 -10.51 -11.44 5.59
C PRO A 468 -9.80 -12.77 5.85
N GLY A 469 -9.58 -13.12 7.12
CA GLY A 469 -8.87 -14.35 7.54
C GLY A 469 -7.36 -14.23 7.44
N GLY A 470 -6.83 -13.04 7.14
CA GLY A 470 -5.39 -12.74 7.10
C GLY A 470 -4.71 -13.20 5.82
N LEU A 471 -5.46 -13.55 4.79
CA LEU A 471 -4.90 -13.81 3.44
C LEU A 471 -4.35 -12.48 2.94
N VAL A 472 -3.25 -12.55 2.20
CA VAL A 472 -2.52 -11.38 1.63
C VAL A 472 -2.34 -11.58 0.13
N GLU A 473 -2.84 -10.63 -0.68
CA GLU A 473 -2.66 -10.64 -2.16
C GLU A 473 -1.64 -9.55 -2.52
N SER A 474 -0.93 -9.73 -3.62
CA SER A 474 0.17 -8.81 -4.03
C SER A 474 0.50 -9.09 -5.48
N PHE A 475 1.36 -8.29 -6.09
CA PHE A 475 1.83 -8.49 -7.49
C PHE A 475 3.34 -8.74 -7.48
N ILE A 476 3.83 -9.31 -8.58
CA ILE A 476 5.27 -9.65 -8.76
C ILE A 476 5.95 -8.49 -9.47
N ASP A 477 7.01 -7.95 -8.89
CA ASP A 477 7.82 -6.87 -9.49
C ASP A 477 8.96 -7.58 -10.22
N ALA A 478 10.12 -7.75 -9.56
CA ALA A 478 11.32 -8.42 -10.11
C ALA A 478 11.53 -9.78 -9.41
N ILE A 479 11.92 -10.80 -10.19
CA ILE A 479 12.50 -12.08 -9.69
C ILE A 479 13.70 -12.39 -10.60
N GLY A 480 14.93 -12.26 -10.11
CA GLY A 480 16.12 -12.34 -11.00
C GLY A 480 15.94 -11.41 -12.19
N PRO A 481 16.20 -11.88 -13.44
CA PRO A 481 16.11 -10.99 -14.60
C PRO A 481 14.67 -10.62 -14.97
N ARG A 482 13.68 -11.42 -14.54
CA ARG A 482 12.26 -11.34 -15.00
C ARG A 482 11.48 -10.28 -14.18
N ARG A 483 10.81 -9.34 -14.87
CA ARG A 483 9.83 -8.40 -14.27
C ARG A 483 8.43 -8.99 -14.46
N GLY A 484 7.59 -8.85 -13.45
CA GLY A 484 6.29 -9.55 -13.36
C GLY A 484 5.18 -8.77 -14.03
N GLY A 485 4.57 -7.81 -13.34
CA GLY A 485 3.30 -7.23 -13.80
C GLY A 485 2.19 -8.29 -13.83
N ALA A 486 2.21 -9.17 -12.83
CA ALA A 486 1.28 -10.31 -12.65
C ALA A 486 1.13 -10.53 -11.16
N LEU A 487 0.02 -11.17 -10.77
CA LEU A 487 -0.32 -11.38 -9.35
C LEU A 487 0.59 -12.47 -8.77
N ALA A 488 1.06 -12.27 -7.53
CA ALA A 488 1.83 -13.24 -6.73
C ALA A 488 0.90 -14.34 -6.23
N PRO A 489 1.44 -15.48 -5.75
CA PRO A 489 0.68 -16.41 -4.94
C PRO A 489 0.11 -15.64 -3.74
N THR A 490 -1.15 -15.91 -3.41
CA THR A 490 -1.74 -15.43 -2.16
C THR A 490 -1.04 -16.17 -1.02
N VAL A 491 -0.77 -15.47 0.08
CA VAL A 491 -0.14 -16.04 1.30
C VAL A 491 -1.06 -15.74 2.48
N LYS A 492 -0.77 -16.29 3.67
CA LYS A 492 -1.65 -16.17 4.87
C LYS A 492 -0.81 -15.86 6.11
N ILE A 493 -1.12 -14.76 6.80
CA ILE A 493 -0.47 -14.40 8.10
C ILE A 493 -1.48 -14.67 9.22
N ASN A 494 -0.97 -15.21 10.34
CA ASN A 494 -1.75 -15.44 11.57
C ASN A 494 -1.46 -14.22 12.47
N ILE A 495 -2.44 -13.33 12.62
CA ILE A 495 -2.32 -12.09 13.43
C ILE A 495 -2.64 -12.49 14.87
N ASN A 496 -1.72 -12.26 15.80
CA ASN A 496 -1.84 -12.75 17.19
C ASN A 496 -1.44 -11.58 18.10
N GLY A 497 -2.37 -10.66 18.33
CA GLY A 497 -2.16 -9.50 19.20
C GLY A 497 -1.07 -8.60 18.64
N THR A 498 0.07 -8.47 19.32
CA THR A 498 1.16 -7.56 18.88
C THR A 498 2.10 -8.22 17.87
N SER A 499 1.94 -9.50 17.53
CA SER A 499 2.80 -10.22 16.56
C SER A 499 2.00 -10.94 15.47
N THR A 500 2.70 -11.30 14.39
CA THR A 500 2.15 -11.94 13.17
C THR A 500 3.08 -13.10 12.77
N ILE A 501 2.56 -14.17 12.17
CA ILE A 501 3.39 -15.30 11.64
C ILE A 501 2.91 -15.68 10.23
N LEU A 502 3.81 -15.67 9.24
CA LEU A 502 3.52 -16.25 7.89
C LEU A 502 3.21 -17.74 8.06
N ASP A 503 2.02 -18.16 7.60
CA ASP A 503 1.51 -19.54 7.76
C ASP A 503 2.09 -20.43 6.65
N ARG A 504 2.98 -21.33 7.03
CA ARG A 504 3.73 -22.17 6.05
C ARG A 504 3.00 -23.50 5.86
N THR A 505 1.92 -23.71 6.60
CA THR A 505 1.00 -24.84 6.37
C THR A 505 0.00 -24.43 5.29
N TYR A 506 -0.15 -23.13 5.04
CA TYR A 506 -1.04 -22.60 3.98
C TYR A 506 -0.50 -22.98 2.58
N GLY A 507 -1.32 -23.55 1.72
CA GLY A 507 -0.99 -23.82 0.31
C GLY A 507 0.29 -24.62 0.12
N ASN A 508 1.08 -24.20 -0.85
CA ASN A 508 2.37 -24.85 -1.19
C ASN A 508 3.49 -24.22 -0.36
N ALA A 509 3.72 -24.78 0.84
CA ALA A 509 4.63 -24.30 1.92
C ALA A 509 4.49 -22.78 2.05
N GLY A 510 3.24 -22.30 2.11
CA GLY A 510 2.90 -20.88 2.32
C GLY A 510 2.38 -20.22 1.08
N LEU A 511 2.60 -20.82 -0.10
CA LEU A 511 2.15 -20.22 -1.39
C LEU A 511 0.78 -20.78 -1.76
N GLY A 512 -0.24 -19.92 -1.86
CA GLY A 512 -1.57 -20.26 -2.38
C GLY A 512 -1.59 -20.09 -3.88
N GLY A 513 -2.78 -20.01 -4.49
CA GLY A 513 -2.93 -19.83 -5.95
C GLY A 513 -2.50 -18.44 -6.41
N TYR A 514 -1.85 -18.33 -7.59
CA TYR A 514 -1.54 -17.04 -8.25
C TYR A 514 -2.80 -16.18 -8.37
N GLY A 515 -2.78 -15.00 -7.76
CA GLY A 515 -3.93 -14.07 -7.75
C GLY A 515 -5.15 -14.69 -7.09
N ASP A 516 -4.98 -15.44 -6.00
CA ASP A 516 -6.16 -16.01 -5.28
C ASP A 516 -6.72 -14.90 -4.40
N ILE A 517 -7.63 -14.12 -4.96
CA ILE A 517 -8.34 -12.99 -4.29
C ILE A 517 -9.80 -13.38 -4.23
N PRO A 518 -10.25 -14.15 -3.20
CA PRO A 518 -11.62 -14.68 -3.16
C PRO A 518 -12.70 -13.83 -2.45
N ALA A 519 -13.92 -13.92 -2.93
CA ALA A 519 -15.11 -13.33 -2.27
C ALA A 519 -15.43 -14.15 -1.03
N ASN A 520 -15.87 -13.48 0.03
CA ASN A 520 -16.40 -14.11 1.26
C ASN A 520 -17.93 -14.25 1.13
N LEU A 521 -18.59 -13.23 0.56
CA LEU A 521 -20.03 -12.88 0.69
C LEU A 521 -20.59 -12.58 -0.70
N PRO A 522 -21.77 -13.10 -1.08
CA PRO A 522 -22.48 -12.56 -2.22
C PRO A 522 -23.01 -11.16 -1.87
N ALA A 523 -22.85 -10.19 -2.76
CA ALA A 523 -23.57 -8.90 -2.70
C ALA A 523 -25.09 -9.18 -2.71
MG MG B . 18.81 2.48 2.77
MG MG C . -10.15 3.18 -25.94
#